data_2BV7
#
_entry.id   2BV7
#
_cell.length_a   55.500
_cell.length_b   34.600
_cell.length_c   58.300
_cell.angle_alpha   90.00
_cell.angle_beta   116.50
_cell.angle_gamma   90.00
#
_symmetry.space_group_name_H-M   'P 1 21 1'
#
loop_
_entity.id
_entity.type
_entity.pdbx_description
1 polymer 'GLYCOLIPID TRANSFER PROTEIN'
2 non-polymer 'SULFATE ION'
3 non-polymer N-{1-[(HEXOPYRANOSYLOXY)METHYL]-2-HYDROXYNONADECYL}TETRACOSANAMIDE
4 water water
#
_entity_poly.entity_id   1
_entity_poly.type   'polypeptide(L)'
_entity_poly.pdbx_seq_one_letter_code
;ALLAEHLLRPLPADKQIETGPFLEAVSHLPPFFDCLGSPVFTPIKADISGNITKIKAVYDTNPTKFRTLQNILEVEKEMY
GAEWPKVGATLALMWLKRGLRFIQVFLQSICDGERDENHPNLIRVNATKAYEMALKKYHGWIVQKIFQAALYAAPYKSDF
LKALSKGQNVTEEECLEKVRLFLVNYTATIDVIYEMYTRMNAELNYKV
;
_entity_poly.pdbx_strand_id   A
#
loop_
_chem_comp.id
_chem_comp.type
_chem_comp.name
_chem_comp.formula
GM3 non-polymer N-{1-[(HEXOPYRANOSYLOXY)METHYL]-2-HYDROXYNONADECYL}TETRACOSANAMIDE 'C50 H99 N O8'
SO4 non-polymer 'SULFATE ION' 'O4 S -2'
#
# COMPACT_ATOMS: atom_id res chain seq x y z
N LEU A 7 -5.56 -7.00 11.04
CA LEU A 7 -4.10 -7.29 11.16
C LEU A 7 -3.62 -8.26 10.08
N LEU A 8 -2.44 -8.00 9.52
CA LEU A 8 -1.82 -8.96 8.61
C LEU A 8 -1.29 -10.15 9.44
N ARG A 9 -1.08 -11.26 8.76
CA ARG A 9 -0.49 -12.44 9.38
C ARG A 9 0.89 -12.10 9.89
N PRO A 10 1.32 -12.79 10.94
CA PRO A 10 2.73 -12.68 11.29
C PRO A 10 3.58 -13.11 10.10
N LEU A 11 4.72 -12.47 9.95
CA LEU A 11 5.69 -12.88 8.94
C LEU A 11 6.21 -14.27 9.33
N PRO A 12 6.12 -15.25 8.41
CA PRO A 12 6.80 -16.51 8.73
C PRO A 12 8.30 -16.27 8.90
N ALA A 13 8.92 -17.07 9.73
CA ALA A 13 10.35 -16.94 9.97
C ALA A 13 11.21 -17.07 8.71
N ASP A 14 10.79 -17.93 7.77
CA ASP A 14 11.43 -18.06 6.46
C ASP A 14 11.04 -16.93 5.50
N LYS A 15 10.16 -16.04 5.97
CA LYS A 15 9.76 -14.83 5.22
C LYS A 15 8.99 -15.11 3.93
N GLN A 16 8.33 -16.26 3.81
CA GLN A 16 7.56 -16.55 2.59
C GLN A 16 6.09 -16.14 2.71
N ILE A 17 5.69 -15.09 2.02
CA ILE A 17 4.36 -14.52 2.22
C ILE A 17 3.31 -15.28 1.44
N GLU A 18 2.36 -15.90 2.15
CA GLU A 18 1.30 -16.63 1.45
C GLU A 18 0.40 -15.67 0.68
N THR A 19 0.16 -15.98 -0.58
CA THR A 19 -0.55 -15.08 -1.50
C THR A 19 -2.00 -14.88 -1.10
N GLY A 20 -2.68 -15.97 -0.77
CA GLY A 20 -4.11 -15.89 -0.43
C GLY A 20 -4.39 -14.96 0.74
N PRO A 21 -3.83 -15.27 1.93
CA PRO A 21 -3.99 -14.46 3.15
C PRO A 21 -3.50 -13.03 2.97
N PHE A 22 -2.48 -12.84 2.14
CA PHE A 22 -2.00 -11.49 1.80
C PHE A 22 -3.06 -10.69 1.07
N LEU A 23 -3.59 -11.25 -0.01
CA LEU A 23 -4.64 -10.57 -0.77
C LEU A 23 -5.88 -10.30 0.09
N GLU A 24 -6.26 -11.28 0.91
CA GLU A 24 -7.35 -11.15 1.86
C GLU A 24 -7.15 -9.92 2.74
N ALA A 25 -5.97 -9.81 3.33
CA ALA A 25 -5.63 -8.71 4.24
C ALA A 25 -5.67 -7.36 3.55
N VAL A 26 -4.91 -7.23 2.46
CA VAL A 26 -4.81 -5.95 1.77
C VAL A 26 -6.11 -5.49 1.13
N SER A 27 -7.00 -6.45 0.84
CA SER A 27 -8.32 -6.10 0.32
C SER A 27 -9.16 -5.33 1.34
N HIS A 28 -8.74 -5.33 2.61
CA HIS A 28 -9.42 -4.51 3.64
C HIS A 28 -9.01 -3.02 3.56
N LEU A 29 -7.97 -2.72 2.77
CA LEU A 29 -7.42 -1.36 2.75
C LEU A 29 -8.19 -0.38 1.85
N PRO A 30 -8.54 -0.78 0.61
CA PRO A 30 -9.26 0.20 -0.23
C PRO A 30 -10.56 0.83 0.34
N PRO A 31 -11.38 0.09 1.14
CA PRO A 31 -12.53 0.72 1.81
C PRO A 31 -12.20 1.96 2.64
N PHE A 32 -11.01 2.00 3.23
CA PHE A 32 -10.64 3.13 4.09
C PHE A 32 -10.52 4.43 3.28
N PHE A 33 -10.29 4.32 1.97
CA PHE A 33 -10.22 5.46 1.06
C PHE A 33 -11.56 6.18 0.91
N ASP A 34 -12.64 5.40 1.01
CA ASP A 34 -14.02 5.87 0.77
C ASP A 34 -14.51 6.75 1.91
N CYS A 35 -13.69 6.83 2.95
CA CYS A 35 -13.98 7.59 4.14
C CYS A 35 -13.06 8.81 4.25
N LEU A 36 -12.49 9.23 3.12
CA LEU A 36 -11.55 10.36 3.10
C LEU A 36 -12.27 11.64 2.67
N GLY A 37 -13.54 11.48 2.28
CA GLY A 37 -14.44 12.58 2.09
C GLY A 37 -14.33 13.30 0.78
N SER A 38 -13.79 12.62 -0.24
CA SER A 38 -13.70 13.20 -1.60
C SER A 38 -13.59 12.16 -2.70
N PRO A 39 -14.30 12.39 -3.83
CA PRO A 39 -14.12 11.58 -5.03
C PRO A 39 -12.71 11.71 -5.64
N VAL A 40 -11.91 12.64 -5.14
CA VAL A 40 -10.55 12.83 -5.64
C VAL A 40 -9.61 11.69 -5.22
N PHE A 41 -10.10 10.76 -4.41
CA PHE A 41 -9.28 9.62 -3.97
C PHE A 41 -9.58 8.36 -4.72
N THR A 42 -10.69 8.37 -5.47
CA THR A 42 -11.11 7.23 -6.27
C THR A 42 -10.10 6.77 -7.35
N PRO A 43 -9.31 7.70 -7.95
CA PRO A 43 -8.24 7.22 -8.84
C PRO A 43 -7.15 6.43 -8.10
N ILE A 44 -6.88 6.83 -6.86
CA ILE A 44 -5.86 6.18 -6.05
C ILE A 44 -6.40 4.82 -5.56
N LYS A 45 -7.65 4.81 -5.11
CA LYS A 45 -8.29 3.58 -4.63
C LYS A 45 -8.42 2.56 -5.75
N ALA A 46 -8.86 3.03 -6.93
CA ALA A 46 -9.05 2.15 -8.11
C ALA A 46 -7.74 1.49 -8.53
N ASP A 47 -6.63 2.19 -8.33
CA ASP A 47 -5.34 1.69 -8.74
C ASP A 47 -4.89 0.57 -7.80
N ILE A 48 -4.98 0.82 -6.49
CA ILE A 48 -4.65 -0.21 -5.50
C ILE A 48 -5.57 -1.44 -5.61
N SER A 49 -6.87 -1.20 -5.73
CA SER A 49 -7.86 -2.27 -5.95
C SER A 49 -7.60 -2.98 -7.27
N GLY A 50 -7.23 -2.22 -8.29
CA GLY A 50 -6.93 -2.78 -9.59
C GLY A 50 -5.79 -3.77 -9.52
N ASN A 51 -4.72 -3.41 -8.80
CA ASN A 51 -3.59 -4.32 -8.66
C ASN A 51 -3.89 -5.56 -7.80
N ILE A 52 -4.67 -5.40 -6.73
CA ILE A 52 -5.05 -6.55 -5.91
C ILE A 52 -5.84 -7.53 -6.78
N THR A 53 -6.81 -7.01 -7.53
CA THR A 53 -7.58 -7.81 -8.50
C THR A 53 -6.72 -8.56 -9.52
N LYS A 54 -5.68 -7.90 -10.04
CA LYS A 54 -4.80 -8.54 -11.03
C LYS A 54 -4.03 -9.69 -10.43
N ILE A 55 -3.52 -9.53 -9.21
CA ILE A 55 -2.75 -10.59 -8.55
C ILE A 55 -3.64 -11.78 -8.19
N LYS A 56 -4.80 -11.47 -7.64
CA LYS A 56 -5.77 -12.51 -7.30
C LYS A 56 -6.14 -13.32 -8.55
N ALA A 57 -6.28 -12.63 -9.68
CA ALA A 57 -6.67 -13.24 -10.96
C ALA A 57 -5.65 -14.29 -11.33
N VAL A 58 -4.37 -13.93 -11.23
CA VAL A 58 -3.29 -14.88 -11.53
C VAL A 58 -3.28 -16.00 -10.50
N TYR A 59 -3.45 -15.64 -9.24
CA TYR A 59 -3.43 -16.60 -8.15
C TYR A 59 -4.53 -17.63 -8.32
N ASP A 60 -5.72 -17.14 -8.64
CA ASP A 60 -6.88 -18.02 -8.74
C ASP A 60 -6.72 -19.09 -9.83
N THR A 61 -5.92 -18.81 -10.87
CA THR A 61 -5.64 -19.78 -11.96
C THR A 61 -4.85 -20.99 -11.49
N ASN A 62 -4.10 -20.85 -10.40
CA ASN A 62 -3.36 -21.98 -9.83
C ASN A 62 -2.83 -21.64 -8.45
N PRO A 63 -3.72 -21.68 -7.44
CA PRO A 63 -3.36 -21.29 -6.10
C PRO A 63 -2.17 -22.08 -5.58
N THR A 64 -2.03 -23.33 -6.01
CA THR A 64 -0.92 -24.18 -5.57
C THR A 64 0.42 -23.67 -6.10
N LYS A 65 0.47 -23.40 -7.41
CA LYS A 65 1.64 -22.88 -8.10
C LYS A 65 2.00 -21.48 -7.60
N PHE A 66 0.97 -20.73 -7.21
CA PHE A 66 1.16 -19.35 -6.74
C PHE A 66 0.92 -19.17 -5.24
N ARG A 67 1.26 -20.20 -4.45
CA ARG A 67 0.97 -20.20 -3.03
C ARG A 67 1.60 -19.01 -2.31
N THR A 68 2.84 -18.68 -2.67
CA THR A 68 3.53 -17.53 -2.07
C THR A 68 3.79 -16.42 -3.09
N LEU A 69 4.04 -15.22 -2.57
CA LEU A 69 4.40 -14.12 -3.46
C LEU A 69 5.68 -14.42 -4.21
N GLN A 70 6.63 -15.08 -3.56
CA GLN A 70 7.85 -15.44 -4.27
C GLN A 70 7.54 -16.41 -5.40
N ASN A 71 6.60 -17.33 -5.17
CA ASN A 71 6.20 -18.25 -6.25
C ASN A 71 5.68 -17.49 -7.46
N ILE A 72 4.86 -16.48 -7.25
CA ILE A 72 4.41 -15.67 -8.37
C ILE A 72 5.59 -15.20 -9.21
N LEU A 73 6.59 -14.59 -8.57
CA LEU A 73 7.72 -14.04 -9.30
C LEU A 73 8.52 -15.14 -10.02
N GLU A 74 8.78 -16.24 -9.32
CA GLU A 74 9.55 -17.39 -9.89
C GLU A 74 8.81 -17.96 -11.09
N VAL A 75 7.53 -18.27 -10.89
CA VAL A 75 6.69 -18.87 -11.95
C VAL A 75 6.52 -17.96 -13.15
N GLU A 76 6.16 -16.69 -12.92
CA GLU A 76 6.03 -15.78 -14.03
C GLU A 76 7.34 -15.55 -14.76
N LYS A 77 8.45 -15.56 -14.05
CA LYS A 77 9.75 -15.41 -14.71
C LYS A 77 9.97 -16.56 -15.69
N GLU A 78 9.67 -17.77 -15.21
CA GLU A 78 9.77 -18.96 -16.04
C GLU A 78 8.80 -18.84 -17.20
N MET A 79 7.56 -18.45 -16.92
CA MET A 79 6.52 -18.33 -17.94
C MET A 79 6.81 -17.32 -19.06
N TYR A 80 7.19 -16.10 -18.67
CA TYR A 80 7.25 -14.99 -19.62
C TYR A 80 8.64 -14.67 -20.14
N GLY A 81 9.65 -15.31 -19.60
CA GLY A 81 11.00 -15.17 -20.14
C GLY A 81 11.46 -13.72 -20.03
N ALA A 82 12.02 -13.22 -21.13
CA ALA A 82 12.70 -11.93 -21.13
C ALA A 82 11.77 -10.75 -20.83
N GLU A 83 10.47 -10.92 -21.10
CA GLU A 83 9.43 -9.92 -20.85
C GLU A 83 9.31 -9.63 -19.35
N TRP A 84 9.53 -10.67 -18.54
CA TRP A 84 9.48 -10.56 -17.09
C TRP A 84 10.64 -9.68 -16.62
N PRO A 85 10.41 -8.80 -15.61
CA PRO A 85 9.26 -8.69 -14.70
C PRO A 85 8.16 -7.71 -15.11
N LYS A 86 8.20 -7.18 -16.32
CA LYS A 86 7.15 -6.24 -16.76
C LYS A 86 5.91 -6.96 -17.28
N VAL A 87 5.31 -7.78 -16.43
CA VAL A 87 4.24 -8.67 -16.83
C VAL A 87 3.41 -9.16 -15.64
N GLY A 88 2.14 -9.46 -15.91
CA GLY A 88 1.32 -10.30 -15.02
C GLY A 88 1.18 -9.80 -13.59
N ALA A 89 1.12 -10.73 -12.65
CA ALA A 89 0.96 -10.35 -11.26
C ALA A 89 2.23 -9.72 -10.70
N THR A 90 3.38 -10.02 -11.29
CA THR A 90 4.64 -9.49 -10.83
C THR A 90 4.57 -7.98 -10.99
N LEU A 91 4.10 -7.52 -12.15
CA LEU A 91 4.04 -6.09 -12.38
C LEU A 91 2.96 -5.47 -11.50
N ALA A 92 1.84 -6.17 -11.33
CA ALA A 92 0.78 -5.64 -10.49
C ALA A 92 1.28 -5.46 -9.05
N LEU A 93 2.02 -6.45 -8.57
CA LEU A 93 2.50 -6.38 -7.21
C LEU A 93 3.66 -5.38 -7.07
N MET A 94 4.43 -5.18 -8.14
CA MET A 94 5.47 -4.14 -8.10
C MET A 94 4.84 -2.76 -7.78
N TRP A 95 3.70 -2.48 -8.40
CA TRP A 95 2.99 -1.24 -8.15
C TRP A 95 2.21 -1.27 -6.84
N LEU A 96 1.59 -2.41 -6.55
CA LEU A 96 0.83 -2.55 -5.31
C LEU A 96 1.72 -2.25 -4.12
N LYS A 97 2.96 -2.74 -4.13
CA LYS A 97 3.79 -2.63 -2.92
C LYS A 97 4.08 -1.13 -2.68
N ARG A 98 4.12 -0.34 -3.77
CA ARG A 98 4.37 1.09 -3.64
C ARG A 98 3.16 1.80 -3.00
N GLY A 99 1.96 1.42 -3.39
CA GLY A 99 0.77 1.92 -2.72
C GLY A 99 0.71 1.49 -1.27
N LEU A 100 1.08 0.24 -1.00
CA LEU A 100 1.09 -0.24 0.39
C LEU A 100 2.13 0.49 1.23
N ARG A 101 3.28 0.79 0.61
CA ARG A 101 4.34 1.53 1.29
C ARG A 101 3.88 2.96 1.55
N PHE A 102 3.18 3.57 0.59
CA PHE A 102 2.63 4.89 0.85
C PHE A 102 1.79 4.90 2.11
N ILE A 103 0.86 3.95 2.20
CA ILE A 103 -0.03 3.88 3.36
C ILE A 103 0.78 3.68 4.64
N GLN A 104 1.77 2.80 4.56
CA GLN A 104 2.65 2.53 5.69
C GLN A 104 3.34 3.80 6.20
N VAL A 105 4.03 4.50 5.31
CA VAL A 105 4.75 5.70 5.69
C VAL A 105 3.78 6.74 6.23
N PHE A 106 2.63 6.87 5.57
CA PHE A 106 1.65 7.86 5.95
C PHE A 106 1.12 7.61 7.39
N LEU A 107 0.70 6.37 7.65
CA LEU A 107 0.19 5.99 8.96
C LEU A 107 1.28 6.09 10.03
N GLN A 108 2.47 5.63 9.71
CA GLN A 108 3.59 5.72 10.65
C GLN A 108 3.89 7.18 11.02
N SER A 109 3.87 8.04 10.02
CA SER A 109 4.15 9.48 10.21
C SER A 109 3.12 10.08 11.18
N ILE A 110 1.86 9.77 10.96
CA ILE A 110 0.82 10.28 11.83
C ILE A 110 0.98 9.73 13.27
N CYS A 111 1.17 8.43 13.36
CA CYS A 111 1.35 7.76 14.64
C CYS A 111 2.54 8.33 15.39
N ASP A 112 3.59 8.72 14.67
CA ASP A 112 4.79 9.25 15.30
C ASP A 112 4.64 10.72 15.70
N GLY A 113 3.46 11.29 15.47
CA GLY A 113 3.18 12.69 15.84
C GLY A 113 3.83 13.72 14.94
N GLU A 114 4.28 13.29 13.75
CA GLU A 114 4.82 14.23 12.81
C GLU A 114 3.70 15.12 12.30
N ARG A 115 3.96 16.43 12.25
CA ARG A 115 2.93 17.36 11.79
C ARG A 115 3.53 18.71 11.48
N ASP A 116 2.76 19.54 10.78
CA ASP A 116 3.08 20.93 10.58
C ASP A 116 2.51 21.68 11.80
N GLU A 117 3.37 22.20 12.66
CA GLU A 117 2.88 22.97 13.84
C GLU A 117 1.96 24.13 13.44
N ASN A 118 2.12 24.64 12.22
CA ASN A 118 1.20 25.67 11.73
C ASN A 118 -0.20 25.20 11.39
N HIS A 119 -0.30 23.91 11.12
CA HIS A 119 -1.57 23.31 10.72
C HIS A 119 -1.69 21.92 11.37
N PRO A 120 -1.77 21.86 12.72
CA PRO A 120 -1.70 20.59 13.43
C PRO A 120 -2.87 19.67 13.14
N ASN A 121 -3.95 20.19 12.59
CA ASN A 121 -5.10 19.37 12.28
C ASN A 121 -5.22 19.03 10.81
N LEU A 122 -4.14 19.24 10.05
CA LEU A 122 -4.08 18.74 8.67
C LEU A 122 -3.19 17.51 8.65
N ILE A 123 -3.25 16.76 7.55
CA ILE A 123 -2.35 15.64 7.30
C ILE A 123 -1.56 15.81 6.01
N ARG A 124 -1.43 17.04 5.52
CA ARG A 124 -0.70 17.24 4.27
C ARG A 124 0.78 16.87 4.40
N VAL A 125 1.39 17.21 5.53
CA VAL A 125 2.83 16.90 5.65
C VAL A 125 3.04 15.37 5.65
N ASN A 126 2.13 14.65 6.30
CA ASN A 126 2.25 13.19 6.39
C ASN A 126 2.07 12.60 5.02
N ALA A 127 1.10 13.10 4.26
CA ALA A 127 0.83 12.55 2.94
C ALA A 127 1.96 12.89 1.97
N THR A 128 2.52 14.10 2.08
CA THR A 128 3.60 14.48 1.19
C THR A 128 4.81 13.62 1.48
N LYS A 129 5.08 13.41 2.75
CA LYS A 129 6.22 12.59 3.12
C LYS A 129 6.06 11.20 2.52
N ALA A 130 4.89 10.62 2.71
CA ALA A 130 4.62 9.27 2.21
C ALA A 130 4.73 9.24 0.70
N TYR A 131 4.28 10.30 0.06
CA TYR A 131 4.28 10.35 -1.38
C TYR A 131 5.70 10.41 -1.88
N GLU A 132 6.51 11.26 -1.25
CA GLU A 132 7.90 11.41 -1.67
C GLU A 132 8.66 10.13 -1.45
N MET A 133 8.36 9.43 -0.35
CA MET A 133 9.14 8.25 -0.03
C MET A 133 8.76 7.04 -0.86
N ALA A 134 7.49 6.95 -1.25
CA ALA A 134 6.95 5.71 -1.84
C ALA A 134 6.66 5.75 -3.34
N LEU A 135 6.21 6.92 -3.84
CA LEU A 135 5.59 6.96 -5.17
C LEU A 135 6.19 7.99 -6.12
N LYS A 136 6.63 9.12 -5.58
CA LYS A 136 6.91 10.27 -6.47
C LYS A 136 7.96 9.96 -7.56
N LYS A 137 9.01 9.24 -7.20
CA LYS A 137 10.05 8.87 -8.17
C LYS A 137 9.54 8.04 -9.36
N TYR A 138 8.32 7.51 -9.26
CA TYR A 138 7.76 6.67 -10.34
C TYR A 138 6.68 7.36 -11.13
N HIS A 139 6.48 8.65 -10.84
CA HIS A 139 5.37 9.41 -11.42
C HIS A 139 5.93 10.57 -12.23
N GLY A 140 5.46 10.73 -13.47
CA GLY A 140 5.70 11.99 -14.23
C GLY A 140 4.79 13.13 -13.77
N TRP A 141 4.98 14.32 -14.34
CA TRP A 141 4.25 15.48 -13.84
C TRP A 141 2.74 15.32 -14.02
N ILE A 142 2.33 14.63 -15.09
CA ILE A 142 0.87 14.42 -15.31
C ILE A 142 0.26 13.72 -14.09
N VAL A 143 0.90 12.63 -13.68
CA VAL A 143 0.37 11.84 -12.56
C VAL A 143 0.59 12.59 -11.24
N GLN A 144 1.73 13.26 -11.11
CA GLN A 144 1.92 14.04 -9.91
C GLN A 144 0.82 15.09 -9.67
N LYS A 145 0.27 15.66 -10.73
CA LYS A 145 -0.79 16.64 -10.52
C LYS A 145 -2.02 15.97 -9.91
N ILE A 146 -2.23 14.71 -10.24
CA ILE A 146 -3.39 13.97 -9.73
C ILE A 146 -3.20 13.78 -8.23
N PHE A 147 -1.97 13.49 -7.83
CA PHE A 147 -1.70 13.26 -6.43
C PHE A 147 -1.68 14.57 -5.62
N GLN A 148 -1.23 15.66 -6.22
CA GLN A 148 -1.34 16.96 -5.54
C GLN A 148 -2.80 17.40 -5.31
N ALA A 149 -3.69 17.02 -6.22
CA ALA A 149 -5.09 17.32 -6.04
C ALA A 149 -5.63 16.52 -4.84
N ALA A 150 -5.17 15.29 -4.70
CA ALA A 150 -5.57 14.47 -3.57
C ALA A 150 -5.04 15.10 -2.27
N LEU A 151 -3.85 15.68 -2.35
CA LEU A 151 -3.21 16.36 -1.22
C LEU A 151 -4.01 17.53 -0.65
N TYR A 152 -4.49 18.41 -1.51
CA TYR A 152 -5.24 19.57 -1.06
C TYR A 152 -6.64 19.20 -0.65
N ALA A 153 -7.16 18.10 -1.20
CA ALA A 153 -8.44 17.56 -0.75
C ALA A 153 -8.35 16.65 0.50
N ALA A 154 -7.14 16.38 0.98
CA ALA A 154 -6.97 15.52 2.15
C ALA A 154 -7.85 16.01 3.32
N PRO A 155 -8.46 15.07 4.07
CA PRO A 155 -9.34 15.49 5.18
C PRO A 155 -8.56 16.07 6.35
N TYR A 156 -9.25 16.73 7.27
CA TYR A 156 -8.64 17.08 8.54
C TYR A 156 -8.20 15.82 9.29
N LYS A 157 -7.12 15.95 10.04
CA LYS A 157 -6.58 14.87 10.82
C LYS A 157 -7.63 14.30 11.76
N SER A 158 -8.38 15.19 12.42
CA SER A 158 -9.44 14.77 13.33
C SER A 158 -10.50 13.95 12.58
N ASP A 159 -10.90 14.42 11.40
CA ASP A 159 -11.89 13.70 10.57
C ASP A 159 -11.38 12.34 10.07
N PHE A 160 -10.13 12.32 9.66
CA PHE A 160 -9.48 11.09 9.23
C PHE A 160 -9.46 10.03 10.34
N LEU A 161 -9.09 10.47 11.55
CA LEU A 161 -8.96 9.54 12.65
C LEU A 161 -10.32 9.06 13.13
N LYS A 162 -11.34 9.92 13.00
CA LYS A 162 -12.72 9.51 13.20
C LYS A 162 -13.16 8.49 12.14
N ALA A 163 -12.74 8.69 10.90
CA ALA A 163 -13.05 7.76 9.83
C ALA A 163 -12.36 6.40 9.99
N LEU A 164 -11.19 6.38 10.62
CA LEU A 164 -10.52 5.12 10.91
C LEU A 164 -11.24 4.40 12.05
N SER A 165 -11.64 5.15 13.07
CA SER A 165 -12.36 4.58 14.20
C SER A 165 -13.84 4.88 14.09
N LYS A 166 -14.34 5.74 14.97
CA LYS A 166 -15.77 6.06 15.08
C LYS A 166 -16.71 4.86 14.77
N GLY A 167 -16.18 3.65 14.98
CA GLY A 167 -17.00 2.48 15.29
C GLY A 167 -17.61 2.87 16.62
N GLN A 168 -17.01 3.90 17.22
CA GLN A 168 -17.56 4.75 18.28
C GLN A 168 -16.88 4.53 19.63
N ASN A 169 -16.87 5.61 20.43
CA ASN A 169 -16.27 5.65 21.75
C ASN A 169 -14.85 5.08 21.78
N VAL A 170 -13.96 5.75 21.03
CA VAL A 170 -12.53 5.45 20.96
C VAL A 170 -11.84 6.81 20.89
N THR A 171 -10.95 7.09 21.85
CA THR A 171 -10.18 8.34 21.81
C THR A 171 -9.20 8.34 20.63
N GLU A 172 -8.73 9.52 20.25
CA GLU A 172 -7.76 9.61 19.16
C GLU A 172 -6.44 8.89 19.48
N GLU A 173 -6.04 8.94 20.75
CA GLU A 173 -4.84 8.23 21.21
C GLU A 173 -5.01 6.70 21.16
N GLU A 174 -6.22 6.22 21.44
CA GLU A 174 -6.56 4.79 21.37
C GLU A 174 -6.62 4.31 19.92
N CYS A 175 -7.15 5.16 19.04
CA CYS A 175 -7.13 4.92 17.61
C CYS A 175 -5.68 4.80 17.13
N LEU A 176 -4.83 5.75 17.52
CA LEU A 176 -3.43 5.70 17.15
C LEU A 176 -2.75 4.45 17.70
N GLU A 177 -3.12 4.04 18.91
CA GLU A 177 -2.59 2.76 19.40
C GLU A 177 -2.94 1.53 18.53
N LYS A 178 -4.15 1.50 18.00
CA LYS A 178 -4.59 0.41 17.15
C LYS A 178 -3.88 0.45 15.79
N VAL A 179 -3.64 1.66 15.30
CA VAL A 179 -2.88 1.82 14.06
C VAL A 179 -1.42 1.38 14.27
N ARG A 180 -0.82 1.78 15.39
CA ARG A 180 0.53 1.33 15.73
C ARG A 180 0.63 -0.19 15.73
N LEU A 181 -0.38 -0.85 16.28
CA LEU A 181 -0.38 -2.32 16.24
C LEU A 181 -0.44 -2.88 14.83
N PHE A 182 -1.38 -2.38 14.03
CA PHE A 182 -1.53 -2.77 12.62
C PHE A 182 -0.21 -2.61 11.86
N LEU A 183 0.53 -1.56 12.19
CA LEU A 183 1.72 -1.21 11.42
C LEU A 183 2.84 -2.21 11.61
N VAL A 184 2.86 -2.89 12.75
CA VAL A 184 3.94 -3.83 13.01
C VAL A 184 4.08 -4.92 11.91
N ASN A 185 3.09 -5.80 11.75
CA ASN A 185 3.17 -6.87 10.72
C ASN A 185 3.05 -6.33 9.31
N TYR A 186 2.33 -5.23 9.17
CA TYR A 186 2.13 -4.60 7.88
C TYR A 186 3.48 -4.08 7.32
N THR A 187 4.18 -3.33 8.15
CA THR A 187 5.53 -2.83 7.77
C THR A 187 6.48 -3.98 7.41
N ALA A 188 6.54 -4.98 8.30
CA ALA A 188 7.39 -6.14 8.06
C ALA A 188 7.05 -6.81 6.74
N THR A 189 5.76 -6.91 6.42
CA THR A 189 5.34 -7.57 5.21
C THR A 189 5.81 -6.79 4.00
N ILE A 190 5.60 -5.48 4.06
CA ILE A 190 5.95 -4.61 2.96
C ILE A 190 7.47 -4.63 2.79
N ASP A 191 8.20 -4.58 3.90
CA ASP A 191 9.67 -4.65 3.88
C ASP A 191 10.16 -5.91 3.15
N VAL A 192 9.53 -7.05 3.45
CA VAL A 192 9.94 -8.33 2.86
C VAL A 192 9.63 -8.36 1.36
N ILE A 193 8.49 -7.80 0.98
CA ILE A 193 8.13 -7.67 -0.43
C ILE A 193 9.16 -6.83 -1.22
N TYR A 194 9.56 -5.68 -0.66
CA TYR A 194 10.57 -4.86 -1.29
C TYR A 194 11.88 -5.62 -1.42
N GLU A 195 12.30 -6.28 -0.33
CA GLU A 195 13.54 -7.03 -0.32
C GLU A 195 13.50 -8.10 -1.41
N MET A 196 12.35 -8.74 -1.54
CA MET A 196 12.21 -9.81 -2.56
C MET A 196 12.30 -9.26 -3.98
N TYR A 197 11.63 -8.13 -4.26
CA TYR A 197 11.73 -7.52 -5.57
C TYR A 197 13.17 -7.22 -5.95
N THR A 198 13.91 -6.65 -5.00
CA THR A 198 15.32 -6.34 -5.22
C THR A 198 16.13 -7.61 -5.44
N ARG A 199 15.94 -8.59 -4.56
CA ARG A 199 16.70 -9.83 -4.64
C ARG A 199 16.50 -10.52 -5.99
N MET A 200 15.25 -10.55 -6.44
CA MET A 200 14.87 -11.31 -7.63
C MET A 200 15.01 -10.49 -8.91
N ASN A 201 15.55 -9.27 -8.78
CA ASN A 201 15.71 -8.34 -9.92
C ASN A 201 14.37 -8.11 -10.63
N ALA A 202 13.33 -7.96 -9.82
CA ALA A 202 11.97 -7.78 -10.31
C ALA A 202 11.57 -6.30 -10.31
N GLU A 203 12.43 -5.45 -9.74
CA GLU A 203 12.10 -4.04 -9.59
C GLU A 203 12.43 -3.28 -10.87
N LEU A 204 11.46 -2.53 -11.35
CA LEU A 204 11.60 -1.66 -12.53
C LEU A 204 11.43 -0.20 -12.08
N ASN A 205 12.12 0.71 -12.73
CA ASN A 205 12.09 2.10 -12.27
C ASN A 205 11.45 3.10 -13.25
N TYR A 206 10.77 2.57 -14.24
CA TYR A 206 10.08 3.44 -15.19
C TYR A 206 9.03 4.33 -14.52
N LYS A 207 8.82 5.49 -15.11
CA LYS A 207 7.87 6.45 -14.61
C LYS A 207 6.57 6.34 -15.40
N VAL A 208 5.46 6.52 -14.69
CA VAL A 208 4.14 6.56 -15.32
C VAL A 208 3.59 7.98 -15.36
S SO4 B . 12.25 2.61 -3.58
O1 SO4 B . 11.01 2.32 -4.30
O2 SO4 B . 13.33 2.87 -4.55
O3 SO4 B . 12.60 1.41 -2.80
O4 SO4 B . 12.08 3.75 -2.70
S SO4 C . -5.39 23.85 10.66
O1 SO4 C . -4.88 23.99 9.31
O2 SO4 C . -4.65 22.83 11.42
O3 SO4 C . -6.81 23.47 10.57
O4 SO4 C . -5.25 25.14 11.34
OBB GM3 D . -0.84 5.74 -12.70
CBA GM3 D . -0.98 5.22 -11.38
CBC GM3 D . -1.34 6.35 -10.42
CBD GM3 D . -2.83 6.30 -10.16
CBE GM3 D . -3.47 7.66 -10.38
CBF GM3 D . -3.72 7.95 -11.86
CBG GM3 D . -5.19 8.24 -12.07
CAY GM3 D . 0.32 4.53 -10.95
CAX GM3 D . 0.73 3.42 -11.92
OAD GM3 D . 0.10 2.16 -11.63
CAB GM3 D . -0.10 1.27 -12.75
CAO GM3 D . -0.96 0.11 -12.28
OAP GM3 D . -1.09 0.23 -10.86
CAQ GM3 D . -0.48 -1.25 -12.80
OAR GM3 D . -1.58 -2.16 -12.69
CAS GM3 D . -0.03 -1.14 -14.25
O1 GM3 D . 0.41 -2.39 -14.78
CAT GM3 D . 1.13 -0.15 -14.39
CAV GM3 D . 1.19 0.45 -15.79
OAW GM3 D . 2.57 0.62 -16.15
OAU GM3 D . 1.14 0.87 -13.38
NAZ GM3 D . -0.05 3.94 -9.66
CBR GM3 D . 0.59 4.20 -8.61
OBT GM3 D . 1.63 5.00 -8.66
CBS GM3 D . 0.16 3.58 -7.29
CBU GM3 D . -0.92 4.43 -6.62
CBV GM3 D . -1.14 4.04 -5.17
CBW GM3 D . -1.38 5.25 -4.26
CBX GM3 D . -1.70 4.87 -2.80
CBY GM3 D . -2.16 6.05 -1.95
CBZ GM3 D . -2.79 5.58 -0.64
CCA GM3 D . -3.56 6.69 0.10
CCB GM3 D . -3.55 6.48 1.62
CCC GM3 D . -4.88 6.81 2.30
CCD GM3 D . -5.00 6.18 3.69
CCE GM3 D . -5.88 4.93 3.69
CCF GM3 D . -6.11 4.39 5.09
CCG GM3 D . -5.28 3.14 5.36
CCH GM3 D . -6.01 2.08 6.18
CCI GM3 D . -5.76 2.21 7.69
CCJ GM3 D . -5.88 0.85 8.38
CCK GM3 D . -6.18 1.01 9.86
CCL GM3 D . -6.06 -0.33 10.59
CCM GM3 D . -6.27 -0.14 12.08
#